data_8RMA
#
_entry.id   8RMA
#
_cell.length_a   44.700
_cell.length_b   45.560
_cell.length_c   117.780
_cell.angle_alpha   90.000
_cell.angle_beta   90.000
_cell.angle_gamma   90.000
#
_symmetry.space_group_name_H-M   'P 21 21 21'
#
loop_
_entity.id
_entity.type
_entity.pdbx_description
1 polymer Beta-lactamase
2 non-polymer 'SULFATE ION'
3 non-polymer '2-[(3~{R})-1-oxidanyl-3~{H}-2,1-benzoxaborol-3-yl]ethanoic acid'
4 non-polymer 'CHLORIDE ION'
5 water water
#
_entity_poly.entity_id   1
_entity_poly.type   'polypeptide(L)'
_entity_poly.pdbx_seq_one_letter_code
;GPQTADVQQKLAELERQSGGRLGVALINTADNSQILYRADERFAMCSTSKVMAAAAVLKKSESEPNLLNQRVEIKKSDLV
NYNPIAEKHVNGTMSLAELSAAALQYSDNVAMNKLIAHVGGPASVTAFARQLGDETFRLDRTEPTLNTAIPGDPRDTTSP
RAMAQTLRNLTLGKALGDSQRAQLVTWMKGNTTGAASIQAGLPASWVVGDKTGSGGYGTTNDIAVIWPKDRAPLILVTYF
TQPQPKAESRRDVLASAAKIVTDGL
;
_entity_poly.pdbx_strand_id   A
#
loop_
_chem_comp.id
_chem_comp.type
_chem_comp.name
_chem_comp.formula
A1H1U non-polymer '2-[(3~{R})-1-oxidanyl-3~{H}-2,1-benzoxaborol-3-yl]ethanoic acid' 'C9 H9 B O4'
CL non-polymer 'CHLORIDE ION' 'Cl -1'
SO4 non-polymer 'SULFATE ION' 'O4 S -2'
#
# COMPACT_ATOMS: atom_id res chain seq x y z
N GLN A 3 24.87 0.04 15.81
CA GLN A 3 23.83 -0.77 15.18
C GLN A 3 22.96 0.09 14.26
N THR A 4 22.59 1.28 14.72
CA THR A 4 21.77 2.18 13.90
C THR A 4 22.58 2.80 12.77
N ALA A 5 23.82 3.22 13.06
CA ALA A 5 24.69 3.71 12.01
C ALA A 5 24.94 2.65 10.95
N ASP A 6 25.11 1.40 11.40
CA ASP A 6 25.35 0.31 10.45
C ASP A 6 24.17 0.14 9.50
N VAL A 7 22.94 0.18 10.04
N VAL A 7 22.93 0.18 10.02
CA VAL A 7 21.76 0.03 9.19
CA VAL A 7 21.78 0.01 9.14
C VAL A 7 21.67 1.17 8.17
C VAL A 7 21.68 1.17 8.16
N GLN A 8 21.98 2.39 8.60
CA GLN A 8 21.95 3.53 7.69
C GLN A 8 22.99 3.36 6.58
N GLN A 9 24.20 2.94 6.94
CA GLN A 9 25.21 2.72 5.92
C GLN A 9 24.78 1.65 4.93
N LYS A 10 24.18 0.57 5.43
CA LYS A 10 23.74 -0.51 4.53
C LYS A 10 22.63 -0.04 3.60
N LEU A 11 21.69 0.77 4.09
CA LEU A 11 20.64 1.27 3.21
C LEU A 11 21.22 2.21 2.16
N ALA A 12 22.17 3.07 2.55
CA ALA A 12 22.77 3.97 1.58
C ALA A 12 23.52 3.19 0.51
N GLU A 13 24.22 2.12 0.91
CA GLU A 13 24.95 1.31 -0.06
C GLU A 13 24.00 0.58 -0.99
N LEU A 14 22.89 0.06 -0.46
CA LEU A 14 21.87 -0.57 -1.30
C LEU A 14 21.32 0.43 -2.32
N GLU A 15 20.97 1.63 -1.85
CA GLU A 15 20.45 2.63 -2.77
C GLU A 15 21.47 2.93 -3.86
N ARG A 16 22.73 3.15 -3.48
CA ARG A 16 23.75 3.44 -4.49
C ARG A 16 23.83 2.32 -5.52
N GLN A 17 23.90 1.07 -5.06
CA GLN A 17 24.02 -0.06 -6.00
C GLN A 17 22.82 -0.09 -6.93
N SER A 18 21.63 0.19 -6.41
CA SER A 18 20.40 0.06 -7.18
C SER A 18 20.32 1.03 -8.33
N GLY A 19 21.01 2.17 -8.24
CA GLY A 19 20.91 3.22 -9.22
C GLY A 19 19.72 4.15 -9.10
N GLY A 20 18.82 3.89 -8.15
CA GLY A 20 17.61 4.67 -7.98
C GLY A 20 17.55 5.44 -6.67
N ARG A 21 16.32 5.68 -6.24
CA ARG A 21 16.01 6.43 -5.03
C ARG A 21 15.13 5.55 -4.16
N LEU A 22 15.59 5.31 -2.93
CA LEU A 22 15.00 4.38 -1.99
C LEU A 22 14.42 5.15 -0.80
N GLY A 23 13.21 4.76 -0.40
CA GLY A 23 12.56 5.32 0.78
C GLY A 23 12.11 4.21 1.70
N VAL A 24 12.50 4.28 2.97
CA VAL A 24 12.19 3.24 3.94
C VAL A 24 11.66 3.87 5.22
N ALA A 25 10.61 3.27 5.78
CA ALA A 25 10.22 3.57 7.16
C ALA A 25 9.77 2.28 7.82
N LEU A 26 10.48 1.90 8.88
CA LEU A 26 10.12 0.79 9.76
C LEU A 26 9.67 1.37 11.09
N ILE A 27 8.52 0.93 11.59
CA ILE A 27 8.09 1.17 12.95
C ILE A 27 8.10 -0.16 13.67
N ASN A 28 8.83 -0.24 14.78
CA ASN A 28 8.88 -1.44 15.60
C ASN A 28 8.02 -1.21 16.83
N THR A 29 6.86 -1.88 16.90
CA THR A 29 5.95 -1.62 18.01
C THR A 29 6.42 -2.25 19.32
N ALA A 30 7.49 -3.06 19.30
CA ALA A 30 8.03 -3.58 20.56
C ALA A 30 8.53 -2.46 21.44
N ASP A 31 9.22 -1.47 20.87
CA ASP A 31 9.84 -0.41 21.64
C ASP A 31 9.50 0.98 21.10
N ASN A 32 8.57 1.08 20.16
CA ASN A 32 8.14 2.35 19.58
C ASN A 32 9.30 3.07 18.90
N SER A 33 10.22 2.32 18.31
CA SER A 33 11.34 2.88 17.57
C SER A 33 11.05 2.88 16.08
N GLN A 34 11.89 3.59 15.34
N GLN A 34 11.87 3.61 15.34
CA GLN A 34 11.74 3.65 13.90
CA GLN A 34 11.75 3.68 13.90
C GLN A 34 13.11 3.68 13.24
C GLN A 34 13.13 3.63 13.26
N ILE A 35 13.14 3.18 12.02
CA ILE A 35 14.29 3.26 11.13
C ILE A 35 13.80 3.96 9.86
N LEU A 36 14.46 5.06 9.51
CA LEU A 36 14.01 5.97 8.46
C LEU A 36 15.11 6.20 7.44
N TYR A 37 14.72 6.21 6.16
CA TYR A 37 15.66 6.53 5.08
C TYR A 37 14.88 7.27 4.00
N ARG A 38 15.23 8.53 3.75
CA ARG A 38 14.44 9.41 2.87
C ARG A 38 12.97 9.39 3.27
N ALA A 39 12.71 9.31 4.56
CA ALA A 39 11.35 9.00 4.99
C ALA A 39 10.39 10.18 4.86
N ASP A 40 10.88 11.40 4.62
CA ASP A 40 10.02 12.53 4.36
C ASP A 40 9.99 12.95 2.90
N GLU A 41 10.67 12.21 2.02
CA GLU A 41 10.57 12.49 0.60
C GLU A 41 9.31 11.84 0.02
N ARG A 42 8.81 12.43 -1.06
CA ARG A 42 7.65 11.91 -1.76
C ARG A 42 8.05 10.86 -2.79
N PHE A 43 7.22 9.82 -2.87
CA PHE A 43 7.33 8.74 -3.84
C PHE A 43 5.94 8.44 -4.39
N ALA A 44 5.86 8.14 -5.68
CA ALA A 44 4.60 7.68 -6.26
C ALA A 44 4.18 6.38 -5.61
N MET A 45 2.95 6.35 -5.08
CA MET A 45 2.46 5.18 -4.34
C MET A 45 2.16 4.00 -5.24
N CYS A 46 1.72 4.27 -6.47
CA CYS A 46 1.18 3.25 -7.35
C CYS A 46 0.14 2.45 -6.58
N SER A 47 0.09 1.12 -6.74
CA SER A 47 -1.00 0.37 -6.14
C SER A 47 -0.95 0.28 -4.63
N THR A 48 0.10 0.77 -3.96
CA THR A 48 0.04 0.79 -2.51
C THR A 48 -1.08 1.71 -2.02
N SER A 49 -1.55 2.64 -2.87
CA SER A 49 -2.69 3.50 -2.54
C SER A 49 -3.99 2.72 -2.40
N LYS A 50 -4.04 1.48 -2.90
CA LYS A 50 -5.26 0.68 -2.80
C LYS A 50 -5.63 0.40 -1.35
N VAL A 51 -4.64 0.37 -0.45
CA VAL A 51 -4.94 0.20 0.98
C VAL A 51 -5.80 1.37 1.49
N MET A 52 -5.41 2.61 1.16
N MET A 52 -5.43 2.60 1.14
CA MET A 52 -6.17 3.77 1.65
CA MET A 52 -6.17 3.76 1.63
C MET A 52 -7.58 3.77 1.07
C MET A 52 -7.57 3.80 1.05
N ALA A 53 -7.74 3.40 -0.20
CA ALA A 53 -9.07 3.36 -0.79
C ALA A 53 -9.94 2.30 -0.12
N ALA A 54 -9.40 1.10 0.10
CA ALA A 54 -10.18 0.06 0.79
C ALA A 54 -10.53 0.50 2.20
N ALA A 55 -9.58 1.14 2.90
CA ALA A 55 -9.85 1.61 4.25
C ALA A 55 -10.95 2.68 4.27
N ALA A 56 -10.98 3.55 3.25
CA ALA A 56 -12.04 4.56 3.18
C ALA A 56 -13.40 3.91 3.01
N VAL A 57 -13.48 2.85 2.20
CA VAL A 57 -14.73 2.09 2.07
C VAL A 57 -15.10 1.45 3.40
N LEU A 58 -14.13 0.83 4.08
CA LEU A 58 -14.42 0.25 5.40
C LEU A 58 -14.92 1.30 6.38
N LYS A 59 -14.31 2.49 6.39
N LYS A 59 -14.31 2.49 6.39
CA LYS A 59 -14.78 3.54 7.29
CA LYS A 59 -14.78 3.55 7.28
C LYS A 59 -16.23 3.91 6.97
C LYS A 59 -16.22 3.90 6.96
N LYS A 60 -16.55 4.08 5.68
CA LYS A 60 -17.92 4.39 5.27
C LYS A 60 -18.88 3.30 5.74
N SER A 61 -18.43 2.04 5.68
CA SER A 61 -19.28 0.91 6.06
C SER A 61 -19.63 0.89 7.54
N GLU A 62 -18.87 1.62 8.37
CA GLU A 62 -19.17 1.65 9.80
C GLU A 62 -20.55 2.24 10.08
N SER A 63 -21.04 3.11 9.19
N SER A 63 -21.05 3.10 9.19
CA SER A 63 -22.37 3.71 9.32
CA SER A 63 -22.36 3.71 9.33
C SER A 63 -23.31 3.28 8.21
C SER A 63 -23.36 3.19 8.31
N GLU A 64 -22.93 2.28 7.43
CA GLU A 64 -23.74 1.79 6.30
C GLU A 64 -23.60 0.27 6.24
N PRO A 65 -24.45 -0.46 6.99
CA PRO A 65 -24.27 -1.93 7.10
C PRO A 65 -24.54 -2.72 5.82
N ASN A 66 -25.14 -2.15 4.80
CA ASN A 66 -25.34 -2.85 3.54
C ASN A 66 -24.24 -2.54 2.53
N LEU A 67 -23.27 -1.70 2.90
CA LEU A 67 -22.30 -1.22 1.91
C LEU A 67 -21.45 -2.36 1.35
N LEU A 68 -20.85 -3.18 2.22
CA LEU A 68 -19.95 -4.21 1.70
C LEU A 68 -20.68 -5.20 0.80
N ASN A 69 -21.98 -5.41 1.02
CA ASN A 69 -22.79 -6.28 0.20
C ASN A 69 -23.31 -5.61 -1.07
N GLN A 70 -23.15 -4.30 -1.23
CA GLN A 70 -23.70 -3.60 -2.38
C GLN A 70 -23.13 -4.17 -3.67
N ARG A 71 -24.01 -4.41 -4.65
CA ARG A 71 -23.63 -4.98 -5.94
C ARG A 71 -23.24 -3.88 -6.91
N VAL A 72 -22.12 -4.08 -7.60
CA VAL A 72 -21.55 -3.13 -8.55
C VAL A 72 -21.43 -3.82 -9.91
N GLU A 73 -22.04 -3.23 -10.94
CA GLU A 73 -21.94 -3.81 -12.28
CA GLU A 73 -21.95 -3.78 -12.29
C GLU A 73 -20.53 -3.66 -12.82
N ILE A 74 -20.04 -4.71 -13.48
CA ILE A 74 -18.76 -4.66 -14.18
C ILE A 74 -19.06 -4.61 -15.68
N LYS A 75 -18.78 -3.48 -16.31
CA LYS A 75 -19.06 -3.26 -17.71
C LYS A 75 -17.76 -3.31 -18.50
N LYS A 76 -17.86 -3.54 -19.82
N LYS A 76 -17.84 -3.56 -19.81
CA LYS A 76 -16.69 -3.43 -20.67
CA LYS A 76 -16.65 -3.43 -20.64
C LYS A 76 -16.04 -2.06 -20.55
C LYS A 76 -16.01 -2.06 -20.45
N SER A 77 -16.84 -1.02 -20.32
CA SER A 77 -16.32 0.34 -20.18
C SER A 77 -15.64 0.57 -18.83
N ASP A 78 -15.76 -0.36 -17.88
CA ASP A 78 -15.01 -0.27 -16.64
C ASP A 78 -13.60 -0.83 -16.77
N LEU A 79 -13.32 -1.63 -17.80
CA LEU A 79 -12.03 -2.27 -17.88
C LEU A 79 -10.95 -1.22 -18.06
N VAL A 80 -9.81 -1.45 -17.43
CA VAL A 80 -8.66 -0.60 -17.63
C VAL A 80 -7.54 -1.53 -18.09
N ASN A 81 -6.31 -1.30 -17.61
CA ASN A 81 -5.16 -2.01 -18.16
C ASN A 81 -4.83 -3.30 -17.43
N TYR A 82 -5.33 -3.52 -16.22
CA TYR A 82 -4.96 -4.71 -15.45
C TYR A 82 -6.14 -5.05 -14.53
N ASN A 83 -6.85 -6.12 -14.89
N ASN A 83 -6.91 -6.06 -14.88
CA ASN A 83 -8.18 -6.44 -14.39
CA ASN A 83 -8.11 -6.39 -14.11
C ASN A 83 -8.32 -7.94 -14.12
C ASN A 83 -8.28 -7.90 -14.09
N PRO A 84 -7.36 -8.58 -13.41
CA PRO A 84 -7.38 -10.05 -13.38
C PRO A 84 -8.64 -10.66 -12.79
N ILE A 85 -9.27 -10.01 -11.84
CA ILE A 85 -10.51 -10.51 -11.24
C ILE A 85 -11.73 -9.95 -11.94
N ALA A 86 -11.78 -8.64 -12.12
CA ALA A 86 -12.97 -8.03 -12.69
C ALA A 86 -13.26 -8.54 -14.09
N GLU A 87 -12.24 -8.85 -14.89
CA GLU A 87 -12.48 -9.32 -16.25
C GLU A 87 -13.30 -10.61 -16.29
N LYS A 88 -13.30 -11.37 -15.19
CA LYS A 88 -14.06 -12.61 -15.09
C LYS A 88 -15.54 -12.35 -14.80
N HIS A 89 -15.93 -11.12 -14.53
CA HIS A 89 -17.27 -10.78 -14.06
C HIS A 89 -17.96 -9.76 -14.96
N VAL A 90 -17.44 -9.55 -16.17
CA VAL A 90 -18.05 -8.58 -17.06
C VAL A 90 -19.49 -8.96 -17.33
N ASN A 91 -20.37 -7.97 -17.23
CA ASN A 91 -21.80 -8.02 -17.43
C ASN A 91 -22.55 -8.64 -16.25
N GLY A 92 -21.85 -9.00 -15.18
CA GLY A 92 -22.45 -9.32 -13.90
C GLY A 92 -22.06 -8.27 -12.88
N THR A 93 -22.39 -8.55 -11.62
CA THR A 93 -21.98 -7.66 -10.53
C THR A 93 -20.99 -8.35 -9.60
N MET A 94 -20.24 -7.52 -8.88
CA MET A 94 -19.42 -7.93 -7.75
C MET A 94 -19.81 -7.07 -6.56
N SER A 95 -19.70 -7.62 -5.35
CA SER A 95 -19.96 -6.80 -4.17
C SER A 95 -18.76 -5.90 -3.88
N LEU A 96 -19.02 -4.86 -3.08
CA LEU A 96 -17.92 -4.00 -2.65
C LEU A 96 -16.89 -4.76 -1.80
N ALA A 97 -17.32 -5.75 -1.01
CA ALA A 97 -16.35 -6.60 -0.31
C ALA A 97 -15.48 -7.36 -1.31
N GLU A 98 -16.10 -7.94 -2.35
CA GLU A 98 -15.32 -8.67 -3.36
C GLU A 98 -14.36 -7.74 -4.10
N LEU A 99 -14.80 -6.52 -4.39
CA LEU A 99 -13.92 -5.56 -5.05
C LEU A 99 -12.79 -5.15 -4.13
N SER A 100 -13.07 -4.97 -2.84
CA SER A 100 -11.99 -4.66 -1.90
C SER A 100 -10.95 -5.77 -1.87
N ALA A 101 -11.41 -7.03 -1.78
CA ALA A 101 -10.49 -8.15 -1.76
C ALA A 101 -9.68 -8.23 -3.05
N ALA A 102 -10.34 -7.99 -4.20
CA ALA A 102 -9.63 -8.07 -5.47
C ALA A 102 -8.58 -6.97 -5.59
N ALA A 103 -8.91 -5.76 -5.16
CA ALA A 103 -7.95 -4.66 -5.19
C ALA A 103 -6.76 -4.98 -4.31
N LEU A 104 -7.02 -5.48 -3.10
CA LEU A 104 -5.95 -5.67 -2.13
C LEU A 104 -5.12 -6.93 -2.39
N GLN A 105 -5.74 -7.99 -2.88
CA GLN A 105 -5.08 -9.29 -2.96
C GLN A 105 -4.56 -9.63 -4.35
N TYR A 106 -5.08 -8.97 -5.38
CA TYR A 106 -4.64 -9.15 -6.76
C TYR A 106 -4.24 -7.83 -7.40
N SER A 107 -4.38 -6.71 -6.71
CA SER A 107 -4.08 -5.41 -7.30
C SER A 107 -4.98 -5.07 -8.48
N ASP A 108 -6.22 -5.57 -8.48
CA ASP A 108 -7.12 -5.33 -9.61
C ASP A 108 -7.46 -3.85 -9.73
N ASN A 109 -7.29 -3.29 -10.93
N ASN A 109 -7.26 -3.29 -10.93
CA ASN A 109 -7.47 -1.85 -11.10
CA ASN A 109 -7.44 -1.86 -11.16
C ASN A 109 -8.90 -1.42 -11.36
C ASN A 109 -8.90 -1.46 -11.29
N VAL A 110 -9.75 -2.29 -11.90
CA VAL A 110 -11.18 -1.99 -11.92
C VAL A 110 -11.69 -1.90 -10.48
N ALA A 111 -11.29 -2.87 -9.66
CA ALA A 111 -11.70 -2.90 -8.27
C ALA A 111 -11.30 -1.60 -7.57
N MET A 112 -10.05 -1.16 -7.73
CA MET A 112 -9.63 0.11 -7.17
C MET A 112 -10.52 1.26 -7.64
N ASN A 113 -10.79 1.33 -8.94
CA ASN A 113 -11.64 2.41 -9.43
C ASN A 113 -13.03 2.39 -8.81
N LYS A 114 -13.59 1.20 -8.56
CA LYS A 114 -14.88 1.13 -7.90
C LYS A 114 -14.80 1.57 -6.44
N LEU A 115 -13.72 1.23 -5.73
CA LEU A 115 -13.56 1.74 -4.37
C LEU A 115 -13.49 3.27 -4.37
N ILE A 116 -12.66 3.83 -5.27
CA ILE A 116 -12.54 5.28 -5.38
C ILE A 116 -13.89 5.91 -5.66
N ALA A 117 -14.61 5.37 -6.64
CA ALA A 117 -15.89 5.96 -7.02
C ALA A 117 -16.87 5.95 -5.85
N HIS A 118 -16.93 4.84 -5.09
CA HIS A 118 -17.92 4.67 -4.05
C HIS A 118 -17.60 5.40 -2.76
N VAL A 119 -16.40 5.97 -2.68
N VAL A 119 -16.47 6.04 -2.63
CA VAL A 119 -15.99 6.87 -1.61
CA VAL A 119 -16.30 6.97 -1.52
C VAL A 119 -16.26 8.34 -1.96
C VAL A 119 -16.31 8.40 -1.95
N GLY A 120 -16.37 8.67 -3.25
CA GLY A 120 -16.52 10.04 -3.72
C GLY A 120 -15.41 10.54 -4.63
N GLY A 121 -14.43 9.70 -4.94
CA GLY A 121 -13.37 10.09 -5.84
C GLY A 121 -12.04 10.30 -5.12
N PRO A 122 -10.99 10.60 -5.90
CA PRO A 122 -9.65 10.75 -5.29
C PRO A 122 -9.59 11.80 -4.19
N ALA A 123 -10.32 12.91 -4.33
CA ALA A 123 -10.27 13.93 -3.29
C ALA A 123 -10.94 13.45 -2.01
N SER A 124 -11.90 12.53 -2.12
N SER A 124 -11.88 12.51 -2.13
CA SER A 124 -12.53 11.95 -0.94
CA SER A 124 -12.53 11.95 -0.94
C SER A 124 -11.61 10.94 -0.26
C SER A 124 -11.64 10.93 -0.26
N VAL A 125 -10.89 10.12 -1.04
CA VAL A 125 -9.89 9.25 -0.42
C VAL A 125 -8.85 10.09 0.32
N THR A 126 -8.45 11.20 -0.30
CA THR A 126 -7.47 12.09 0.31
C THR A 126 -8.02 12.71 1.59
N ALA A 127 -9.29 13.14 1.56
CA ALA A 127 -9.91 13.73 2.76
C ALA A 127 -10.00 12.72 3.90
N PHE A 128 -10.21 11.43 3.58
CA PHE A 128 -10.17 10.37 4.58
C PHE A 128 -8.80 10.29 5.24
N ALA A 129 -7.73 10.31 4.43
CA ALA A 129 -6.38 10.32 5.01
C ALA A 129 -6.20 11.52 5.93
N ARG A 130 -6.65 12.70 5.49
CA ARG A 130 -6.52 13.90 6.30
C ARG A 130 -7.24 13.73 7.65
N GLN A 131 -8.43 13.13 7.63
N GLN A 131 -8.41 13.10 7.63
CA GLN A 131 -9.20 12.94 8.84
CA GLN A 131 -9.22 13.00 8.85
C GLN A 131 -8.49 12.03 9.84
C GLN A 131 -8.54 12.14 9.91
N LEU A 132 -7.62 11.14 9.34
N LEU A 132 -7.70 11.18 9.51
CA LEU A 132 -6.82 10.28 10.20
CA LEU A 132 -6.95 10.39 10.47
C LEU A 132 -5.58 10.97 10.77
C LEU A 132 -5.54 10.94 10.75
N GLY A 133 -5.25 12.15 10.28
CA GLY A 133 -4.03 12.83 10.68
C GLY A 133 -2.87 12.69 9.72
N ASP A 134 -3.13 12.18 8.51
CA ASP A 134 -2.10 12.04 7.48
C ASP A 134 -2.28 13.19 6.51
N GLU A 135 -1.34 14.16 6.56
N GLU A 135 -1.35 14.15 6.57
CA GLU A 135 -1.32 15.35 5.69
CA GLU A 135 -1.39 15.31 5.71
C GLU A 135 -0.59 15.12 4.36
C GLU A 135 -0.31 15.25 4.64
N THR A 136 0.14 14.04 4.28
CA THR A 136 1.09 13.84 3.21
C THR A 136 0.47 13.10 2.03
N PHE A 137 -0.30 12.06 2.34
CA PHE A 137 -0.93 11.27 1.30
C PHE A 137 -1.71 12.16 0.35
N ARG A 138 -1.54 11.96 -0.95
CA ARG A 138 -2.44 12.58 -1.91
C ARG A 138 -2.73 11.59 -3.02
N LEU A 139 -4.02 11.28 -3.18
CA LEU A 139 -4.49 10.52 -4.34
C LEU A 139 -5.12 11.55 -5.26
N ASP A 140 -4.48 11.79 -6.40
CA ASP A 140 -4.89 12.80 -7.37
C ASP A 140 -5.75 12.22 -8.47
N ARG A 141 -5.40 11.03 -8.95
CA ARG A 141 -5.96 10.41 -10.14
C ARG A 141 -6.55 9.05 -9.83
N THR A 142 -7.29 8.54 -10.82
CA THR A 142 -7.83 7.18 -10.82
C THR A 142 -6.87 6.24 -11.56
N GLU A 143 -7.26 4.96 -11.63
CA GLU A 143 -6.53 4.00 -12.44
C GLU A 143 -6.91 4.15 -13.91
N PRO A 144 -5.95 4.03 -14.83
CA PRO A 144 -4.55 3.61 -14.60
C PRO A 144 -3.55 4.76 -14.49
N THR A 145 -4.01 5.99 -14.67
CA THR A 145 -3.06 7.09 -14.82
C THR A 145 -2.29 7.42 -13.53
N LEU A 146 -2.78 6.98 -12.37
CA LEU A 146 -2.11 7.32 -11.12
C LEU A 146 -0.71 6.69 -10.99
N ASN A 147 -0.33 5.79 -11.91
CA ASN A 147 0.95 5.08 -11.84
C ASN A 147 2.07 5.67 -12.69
N THR A 148 1.90 6.87 -13.27
CA THR A 148 2.93 7.39 -14.18
C THR A 148 4.27 7.59 -13.48
N ALA A 149 4.26 8.03 -12.22
CA ALA A 149 5.46 8.09 -11.38
C ALA A 149 6.59 8.91 -11.98
N ILE A 150 6.23 10.05 -12.58
CA ILE A 150 7.22 10.94 -13.20
C ILE A 150 8.06 11.58 -12.11
N PRO A 151 9.40 11.57 -12.22
CA PRO A 151 10.20 12.22 -11.18
C PRO A 151 9.86 13.70 -11.05
N GLY A 152 9.73 14.17 -9.80
CA GLY A 152 9.40 15.55 -9.52
C GLY A 152 7.92 15.85 -9.49
N ASP A 153 7.08 14.88 -9.88
CA ASP A 153 5.63 15.08 -9.94
C ASP A 153 5.03 14.68 -8.60
N PRO A 154 4.37 15.59 -7.88
CA PRO A 154 3.82 15.23 -6.57
C PRO A 154 2.50 14.49 -6.63
N ARG A 155 1.90 14.33 -7.80
CA ARG A 155 0.61 13.66 -7.88
C ARG A 155 0.72 12.22 -7.39
N ASP A 156 -0.27 11.77 -6.63
CA ASP A 156 -0.37 10.35 -6.28
C ASP A 156 0.85 9.87 -5.50
N THR A 157 1.34 10.71 -4.59
CA THR A 157 2.50 10.42 -3.78
C THR A 157 2.17 10.43 -2.29
N THR A 158 3.08 9.82 -1.53
CA THR A 158 3.18 10.04 -0.10
C THR A 158 4.63 9.84 0.31
N SER A 159 4.91 9.97 1.60
CA SER A 159 6.25 9.71 2.11
C SER A 159 6.27 8.39 2.86
N PRO A 160 7.45 7.77 2.99
CA PRO A 160 7.53 6.53 3.77
C PRO A 160 7.06 6.72 5.21
N ARG A 161 7.48 7.80 5.86
CA ARG A 161 7.06 8.02 7.24
C ARG A 161 5.54 8.10 7.34
N ALA A 162 4.93 8.90 6.46
CA ALA A 162 3.48 9.09 6.54
C ALA A 162 2.77 7.77 6.32
N MET A 163 3.19 7.00 5.33
CA MET A 163 2.47 5.77 5.03
CA MET A 163 2.47 5.77 5.03
C MET A 163 2.68 4.73 6.13
N ALA A 164 3.87 4.69 6.74
CA ALA A 164 4.08 3.76 7.84
C ALA A 164 3.21 4.13 9.04
N GLN A 165 3.19 5.42 9.39
CA GLN A 165 2.35 5.85 10.51
C GLN A 165 0.88 5.57 10.23
N THR A 166 0.43 5.86 9.01
CA THR A 166 -0.98 5.60 8.70
C THR A 166 -1.28 4.12 8.66
N LEU A 167 -0.38 3.31 8.10
CA LEU A 167 -0.62 1.87 8.09
C LEU A 167 -0.67 1.31 9.50
N ARG A 168 0.15 1.84 10.40
N ARG A 168 0.18 1.81 10.40
N ARG A 168 0.18 1.81 10.41
CA ARG A 168 0.06 1.40 11.78
CA ARG A 168 0.06 1.43 11.80
CA ARG A 168 0.06 1.44 11.82
C ARG A 168 -1.31 1.74 12.36
C ARG A 168 -1.35 1.72 12.31
C ARG A 168 -1.34 1.72 12.32
N ASN A 169 -1.83 2.93 12.08
CA ASN A 169 -3.15 3.32 12.58
C ASN A 169 -4.24 2.40 12.00
N LEU A 170 -4.17 2.13 10.70
CA LEU A 170 -5.20 1.33 10.04
C LEU A 170 -5.23 -0.12 10.52
N THR A 171 -4.05 -0.73 10.68
CA THR A 171 -3.98 -2.18 10.92
C THR A 171 -3.83 -2.55 12.38
N LEU A 172 -3.19 -1.69 13.18
CA LEU A 172 -2.91 -1.96 14.59
C LEU A 172 -3.56 -0.96 15.52
N GLY A 173 -3.90 0.22 15.04
CA GLY A 173 -4.48 1.29 15.81
C GLY A 173 -5.99 1.34 15.65
N LYS A 174 -6.55 2.54 15.78
CA LYS A 174 -7.98 2.72 16.00
C LYS A 174 -8.64 3.56 14.91
N ALA A 175 -8.02 3.67 13.74
CA ALA A 175 -8.63 4.40 12.65
C ALA A 175 -9.98 3.79 12.27
N LEU A 176 -10.05 2.46 12.29
CA LEU A 176 -11.23 1.71 11.91
C LEU A 176 -11.79 1.00 13.15
N GLY A 177 -13.10 0.75 13.14
CA GLY A 177 -13.70 -0.05 14.18
C GLY A 177 -13.17 -1.46 14.18
N ASP A 178 -13.40 -2.20 15.27
CA ASP A 178 -12.76 -3.50 15.41
C ASP A 178 -13.10 -4.45 14.25
N SER A 179 -14.37 -4.50 13.84
CA SER A 179 -14.74 -5.38 12.73
C SER A 179 -13.99 -4.96 11.47
N GLN A 180 -13.93 -3.66 11.21
CA GLN A 180 -13.36 -3.17 9.96
C GLN A 180 -11.83 -3.32 9.95
N ARG A 181 -11.18 -3.05 11.08
CA ARG A 181 -9.74 -3.27 11.19
C ARG A 181 -9.40 -4.73 10.94
N ALA A 182 -10.15 -5.64 11.58
CA ALA A 182 -9.90 -7.06 11.38
C ALA A 182 -10.08 -7.45 9.93
N GLN A 183 -11.08 -6.88 9.26
CA GLN A 183 -11.31 -7.18 7.85
C GLN A 183 -10.14 -6.71 6.99
N LEU A 184 -9.63 -5.50 7.25
CA LEU A 184 -8.48 -5.02 6.49
C LEU A 184 -7.28 -5.94 6.68
N VAL A 185 -7.01 -6.32 7.94
CA VAL A 185 -5.87 -7.17 8.23
C VAL A 185 -6.02 -8.53 7.54
N THR A 186 -7.22 -9.12 7.62
CA THR A 186 -7.44 -10.40 6.94
C THR A 186 -7.23 -10.26 5.44
N TRP A 187 -7.75 -9.19 4.83
CA TRP A 187 -7.54 -9.00 3.40
C TRP A 187 -6.05 -8.90 3.08
N MET A 188 -5.30 -8.09 3.83
CA MET A 188 -3.89 -7.91 3.52
C MET A 188 -3.08 -9.19 3.75
N LYS A 189 -3.41 -9.96 4.79
N LYS A 189 -3.40 -9.96 4.80
CA LYS A 189 -2.74 -11.24 5.04
CA LYS A 189 -2.72 -11.23 5.02
C LYS A 189 -3.01 -12.26 3.94
C LYS A 189 -2.94 -12.19 3.85
N GLY A 190 -4.09 -12.08 3.19
CA GLY A 190 -4.39 -12.91 2.04
C GLY A 190 -3.86 -12.40 0.72
N ASN A 191 -3.02 -11.37 0.75
CA ASN A 191 -2.45 -10.88 -0.50
C ASN A 191 -1.72 -11.99 -1.24
N THR A 192 -1.88 -12.04 -2.55
CA THR A 192 -1.20 -13.02 -3.39
C THR A 192 0.01 -12.43 -4.14
N THR A 193 0.23 -11.12 -4.10
CA THR A 193 1.17 -10.46 -5.01
C THR A 193 2.53 -10.13 -4.40
N GLY A 194 2.76 -10.41 -3.12
CA GLY A 194 3.90 -9.83 -2.43
C GLY A 194 5.08 -10.74 -2.13
N ALA A 195 5.09 -11.97 -2.63
CA ALA A 195 6.11 -12.92 -2.20
C ALA A 195 7.53 -12.51 -2.60
N ALA A 196 7.70 -11.75 -3.68
CA ALA A 196 9.02 -11.35 -4.14
C ALA A 196 9.50 -10.04 -3.52
N SER A 197 8.67 -9.37 -2.72
CA SER A 197 9.01 -8.03 -2.22
C SER A 197 9.42 -8.13 -0.74
N ILE A 198 8.76 -7.42 0.17
CA ILE A 198 9.19 -7.46 1.57
C ILE A 198 9.30 -8.90 2.09
N GLN A 199 8.31 -9.75 1.77
CA GLN A 199 8.33 -11.13 2.25
C GLN A 199 9.63 -11.86 1.91
N ALA A 200 10.22 -11.53 0.75
CA ALA A 200 11.42 -12.21 0.30
C ALA A 200 12.64 -11.88 1.14
N GLY A 201 12.59 -10.80 1.92
CA GLY A 201 13.67 -10.40 2.80
C GLY A 201 13.48 -10.77 4.25
N LEU A 202 12.43 -11.51 4.58
CA LEU A 202 12.11 -11.89 5.94
C LEU A 202 12.18 -13.41 6.08
N PRO A 203 12.39 -13.92 7.29
CA PRO A 203 12.30 -15.37 7.49
C PRO A 203 10.97 -15.93 7.02
N ALA A 204 11.00 -17.19 6.57
CA ALA A 204 9.80 -17.83 6.04
C ALA A 204 8.69 -17.93 7.07
N SER A 205 9.03 -18.00 8.36
CA SER A 205 8.02 -18.21 9.40
C SER A 205 7.23 -16.94 9.73
N TRP A 206 7.72 -15.77 9.35
CA TRP A 206 7.05 -14.55 9.76
C TRP A 206 5.75 -14.36 8.96
N VAL A 207 4.76 -13.78 9.62
CA VAL A 207 3.43 -13.59 9.03
C VAL A 207 3.35 -12.15 8.53
N VAL A 208 2.87 -11.98 7.30
CA VAL A 208 2.87 -10.69 6.63
C VAL A 208 1.51 -10.41 6.01
N GLY A 209 1.03 -9.18 6.19
CA GLY A 209 0.01 -8.62 5.34
C GLY A 209 0.60 -7.45 4.58
N ASP A 210 0.57 -7.47 3.26
CA ASP A 210 1.24 -6.42 2.50
C ASP A 210 0.43 -6.03 1.29
N LYS A 211 0.77 -4.88 0.73
CA LYS A 211 0.25 -4.41 -0.56
C LYS A 211 1.41 -3.89 -1.39
N THR A 212 1.61 -4.50 -2.55
CA THR A 212 2.63 -4.10 -3.51
C THR A 212 2.15 -2.97 -4.41
N GLY A 213 3.10 -2.37 -5.12
CA GLY A 213 2.78 -1.52 -6.24
C GLY A 213 3.95 -1.42 -7.19
N SER A 214 3.63 -1.09 -8.43
N SER A 214 3.62 -1.12 -8.44
CA SER A 214 4.66 -0.79 -9.42
CA SER A 214 4.58 -0.93 -9.51
C SER A 214 4.08 0.12 -10.48
C SER A 214 4.06 0.17 -10.44
N GLY A 215 4.97 0.86 -11.13
CA GLY A 215 4.56 1.87 -12.08
C GLY A 215 5.71 2.34 -12.93
N GLY A 216 5.50 3.49 -13.57
CA GLY A 216 6.51 4.03 -14.46
C GLY A 216 7.81 4.31 -13.74
N TYR A 217 8.87 4.52 -14.53
CA TYR A 217 10.19 4.79 -13.96
C TYR A 217 10.65 3.66 -13.06
N GLY A 218 10.25 2.43 -13.39
CA GLY A 218 10.69 1.29 -12.62
C GLY A 218 10.30 1.36 -11.16
N THR A 219 9.19 2.04 -10.86
CA THR A 219 8.77 2.22 -9.49
C THR A 219 8.31 0.87 -8.93
N THR A 220 8.84 0.53 -7.76
CA THR A 220 8.69 -0.79 -7.16
C THR A 220 8.47 -0.56 -5.67
N ASN A 221 7.29 -0.88 -5.17
CA ASN A 221 6.88 -0.52 -3.83
C ASN A 221 6.25 -1.70 -3.08
N ASP A 222 6.25 -1.60 -1.75
CA ASP A 222 5.52 -2.55 -0.90
C ASP A 222 5.33 -1.89 0.45
N ILE A 223 4.16 -2.12 1.06
CA ILE A 223 3.88 -1.67 2.42
C ILE A 223 3.31 -2.87 3.18
N ALA A 224 3.74 -3.04 4.43
CA ALA A 224 3.43 -4.27 5.15
C ALA A 224 3.24 -4.06 6.63
N VAL A 225 2.37 -4.90 7.20
CA VAL A 225 2.32 -5.19 8.62
C VAL A 225 2.88 -6.60 8.80
N ILE A 226 3.77 -6.76 9.78
CA ILE A 226 4.59 -7.96 9.93
C ILE A 226 4.50 -8.44 11.35
N TRP A 227 4.25 -9.74 11.52
CA TRP A 227 4.26 -10.39 12.84
C TRP A 227 5.45 -11.33 12.88
N PRO A 228 6.60 -10.91 13.39
CA PRO A 228 7.72 -11.82 13.55
C PRO A 228 7.37 -12.86 14.60
N LYS A 229 8.06 -13.98 14.51
CA LYS A 229 7.82 -15.06 15.45
C LYS A 229 8.01 -14.58 16.88
N ASP A 230 6.95 -14.66 17.68
CA ASP A 230 6.97 -14.35 19.12
C ASP A 230 7.42 -12.92 19.42
N ARG A 231 7.08 -11.97 18.54
CA ARG A 231 7.43 -10.57 18.74
C ARG A 231 6.24 -9.66 18.46
N ALA A 232 6.32 -8.46 19.02
CA ALA A 232 5.36 -7.43 18.68
C ALA A 232 5.47 -7.10 17.18
N PRO A 233 4.38 -6.66 16.56
CA PRO A 233 4.42 -6.43 15.11
C PRO A 233 5.25 -5.22 14.71
N LEU A 234 5.61 -5.25 13.44
CA LEU A 234 6.31 -4.18 12.75
C LEU A 234 5.44 -3.63 11.64
N ILE A 235 5.68 -2.37 11.29
CA ILE A 235 5.15 -1.76 10.06
C ILE A 235 6.34 -1.40 9.20
N LEU A 236 6.31 -1.76 7.92
CA LEU A 236 7.41 -1.47 7.03
C LEU A 236 6.90 -0.95 5.70
N VAL A 237 7.42 0.20 5.30
CA VAL A 237 7.21 0.78 3.96
C VAL A 237 8.54 0.78 3.25
N THR A 238 8.57 0.21 2.03
CA THR A 238 9.73 0.28 1.15
C THR A 238 9.27 0.78 -0.20
N TYR A 239 9.72 1.98 -0.57
CA TYR A 239 9.40 2.61 -1.85
C TYR A 239 10.68 2.76 -2.65
N PHE A 240 10.59 2.57 -3.97
CA PHE A 240 11.79 2.61 -4.79
C PHE A 240 11.41 3.10 -6.18
N THR A 241 12.24 3.98 -6.75
CA THR A 241 11.97 4.48 -8.09
C THR A 241 13.30 4.79 -8.79
N GLN A 242 13.28 4.81 -10.11
CA GLN A 242 14.50 4.81 -10.92
C GLN A 242 14.52 5.93 -11.92
N PRO A 243 15.70 6.22 -12.50
CA PRO A 243 15.80 7.39 -13.36
C PRO A 243 15.20 7.25 -14.75
N GLN A 244 15.12 6.02 -15.27
CA GLN A 244 14.75 5.79 -16.67
C GLN A 244 13.25 5.53 -16.79
N PRO A 245 12.59 6.17 -17.76
N PRO A 245 12.56 6.15 -17.75
CA PRO A 245 11.13 5.98 -17.89
CA PRO A 245 11.11 5.97 -17.82
C PRO A 245 10.69 4.53 -17.98
C PRO A 245 10.67 4.53 -18.00
N LYS A 246 11.45 3.70 -18.69
CA LYS A 246 11.10 2.31 -18.95
C LYS A 246 11.94 1.34 -18.11
N ALA A 247 12.48 1.78 -16.99
CA ALA A 247 13.21 0.88 -16.12
C ALA A 247 12.31 -0.29 -15.71
N GLU A 248 12.93 -1.43 -15.50
CA GLU A 248 12.24 -2.63 -15.04
C GLU A 248 12.19 -2.65 -13.51
N SER A 249 11.20 -3.37 -12.98
CA SER A 249 11.02 -3.45 -11.54
C SER A 249 12.24 -4.05 -10.85
N ARG A 250 12.43 -3.65 -9.60
CA ARG A 250 13.54 -4.12 -8.75
C ARG A 250 13.00 -4.60 -7.40
N ARG A 251 12.21 -5.68 -7.43
N ARG A 251 12.20 -5.67 -7.41
CA ARG A 251 11.66 -6.20 -6.18
CA ARG A 251 11.66 -6.20 -6.17
C ARG A 251 12.75 -6.68 -5.24
C ARG A 251 12.73 -6.75 -5.26
N ASP A 252 13.90 -7.11 -5.80
CA ASP A 252 15.04 -7.50 -4.98
C ASP A 252 15.50 -6.37 -4.07
N VAL A 253 15.38 -5.12 -4.50
CA VAL A 253 15.81 -3.99 -3.67
C VAL A 253 14.91 -3.89 -2.43
N LEU A 254 13.60 -4.12 -2.60
CA LEU A 254 12.70 -4.08 -1.46
C LEU A 254 13.01 -5.21 -0.48
N ALA A 255 13.25 -6.41 -1.02
CA ALA A 255 13.63 -7.54 -0.16
C ALA A 255 14.91 -7.23 0.60
N SER A 256 15.91 -6.67 -0.10
CA SER A 256 17.17 -6.33 0.55
C SER A 256 16.97 -5.31 1.65
N ALA A 257 16.15 -4.29 1.40
CA ALA A 257 15.89 -3.28 2.42
C ALA A 257 15.21 -3.89 3.64
N ALA A 258 14.22 -4.76 3.39
CA ALA A 258 13.54 -5.45 4.49
C ALA A 258 14.51 -6.26 5.34
N LYS A 259 15.42 -6.98 4.70
CA LYS A 259 16.41 -7.76 5.44
C LYS A 259 17.30 -6.85 6.27
N ILE A 260 17.76 -5.75 5.68
CA ILE A 260 18.65 -4.84 6.40
C ILE A 260 17.99 -4.31 7.67
N VAL A 261 16.72 -3.89 7.58
CA VAL A 261 16.10 -3.21 8.72
C VAL A 261 15.53 -4.16 9.75
N THR A 262 15.41 -5.45 9.45
CA THR A 262 14.89 -6.41 10.41
C THR A 262 15.95 -7.35 10.96
N ASP A 263 17.18 -7.31 10.45
N ASP A 263 17.18 -7.30 10.46
CA ASP A 263 18.20 -8.20 10.97
CA ASP A 263 18.25 -8.12 10.98
C ASP A 263 18.44 -7.91 12.45
C ASP A 263 18.40 -7.89 12.48
N GLY A 264 18.45 -8.98 13.24
CA GLY A 264 18.53 -8.90 14.69
C GLY A 264 17.20 -9.06 15.40
N LEU A 265 16.09 -8.89 14.70
CA LEU A 265 14.77 -9.04 15.29
C LEU A 265 14.28 -10.48 15.15
S SO4 B . 3.61 22.34 5.87
O1 SO4 B . 2.80 21.85 4.76
O2 SO4 B . 4.86 21.59 5.94
O3 SO4 B . 2.86 22.22 7.12
O4 SO4 B . 3.87 23.77 5.74
S SO4 C . -4.53 19.21 0.77
O1 SO4 C . -4.20 19.00 2.18
O2 SO4 C . -3.71 18.26 0.00
O3 SO4 C . -4.21 20.59 0.43
O4 SO4 C . -5.95 18.99 0.51
B2 A1H1U D . -0.35 -1.60 -8.97
C10 A1H1U D . -0.31 -3.73 -12.04
C11 A1H1U D . -0.78 -2.94 -13.08
C12 A1H1U D . -1.15 -1.62 -12.85
C13 A1H1U D . -1.06 -1.09 -11.57
C14 A1H1U D . -0.59 -1.86 -10.50
C4 A1H1U D . 0.22 -3.89 -9.50
C5 A1H1U D . 1.66 -4.37 -9.59
C6 A1H1U D . 2.15 -4.80 -8.21
C9 A1H1U D . -0.22 -3.18 -10.76
O1 A1H1U D . 0.87 -0.67 -8.81
O3 A1H1U D . 0.08 -2.94 -8.47
O7 A1H1U D . 1.40 -5.57 -7.58
O8 A1H1U D . 3.24 -4.36 -7.80
H10 A1H1U D . -0.03 -4.65 -12.20
H11 A1H1U D . -0.83 -3.31 -13.98
H12 A1H1U D . -1.47 -1.07 -13.59
H13 A1H1U D . -1.33 -0.16 -11.42
H4 A1H1U D . -0.37 -4.65 -9.35
H5A A1H1U D . 2.23 -3.66 -9.94
H5B A1H1U D . 1.72 -5.13 -10.21
H1 A1H1U D . 0.99 -0.29 -9.55
S SO4 E . -16.56 9.42 13.51
O1 SO4 E . -15.22 9.06 13.06
O2 SO4 E . -17.21 8.23 14.06
O3 SO4 E . -16.49 10.44 14.55
O4 SO4 E . -17.34 9.92 12.39
S SO4 F . 15.82 -10.49 -14.43
O1 SO4 F . 16.54 -9.93 -13.28
O2 SO4 F . 16.57 -11.60 -14.99
O3 SO4 F . 15.67 -9.43 -15.41
O4 SO4 F . 14.50 -10.96 -13.98
CL CL G . -2.92 8.43 11.47
CL CL H . 13.88 -18.72 6.78
#